data_7BNK
#
_entry.id   7BNK
#
_cell.length_a   44.243
_cell.length_b   80.706
_cell.length_c   143.380
_cell.angle_alpha   90.000
_cell.angle_beta   90.000
_cell.angle_gamma   90.000
#
_symmetry.space_group_name_H-M   'P 21 21 21'
#
loop_
_entity.id
_entity.type
_entity.pdbx_description
1 polymer 'ParB family protein'
2 non-polymer GLYCEROL
3 non-polymer DI(HYDROXYETHYL)ETHER
4 non-polymer Monothiophosphate
5 non-polymer "CYTIDINE-5'-DIPHOSPHATE"
6 non-polymer 'MAGNESIUM ION'
7 water water
#
_entity_poly.entity_id   1
_entity_poly.type   'polypeptide(L)'
_entity_poly.pdbx_seq_one_letter_code
;GKAGVLKLPIESIHRDKDQPRTYFDEEKLKELSESIKAQGVLQPILVRKDGDGYRIIAGERRWRASQAAGLKEVPAIVRD
VTEVQAFELALVENLQRADLNPIEEAEGYKRLVDEFKLTQEQVSVRVGKERSTVANALRLLALPTDVKGMVADGSLSMGH
ARALLGVPRLPELQNLAKQVADKKLSVRDTERLVQQSRSSGKKDAGKAAPKQS
;
_entity_poly.pdbx_strand_id   A,B
#
loop_
_chem_comp.id
_chem_comp.type
_chem_comp.name
_chem_comp.formula
CDP non-polymer CYTIDINE-5'-DIPHOSPHATE 'C9 H15 N3 O11 P2'
GOL non-polymer GLYCEROL 'C3 H8 O3'
MG non-polymer 'MAGNESIUM ION' 'Mg 2'
PEG non-polymer DI(HYDROXYETHYL)ETHER 'C4 H10 O3'
TS6 non-polymer Monothiophosphate 'H3 O3 P S'
#
# COMPACT_ATOMS: atom_id res chain seq x y z
N GLY A 4 -1.07 18.49 -19.44
CA GLY A 4 -0.97 17.96 -18.09
C GLY A 4 -2.22 17.22 -17.65
N VAL A 5 -2.86 17.73 -16.60
CA VAL A 5 -4.00 17.07 -15.99
C VAL A 5 -5.28 17.61 -16.61
N LEU A 6 -6.10 16.71 -17.15
CA LEU A 6 -7.42 17.03 -17.66
C LEU A 6 -8.48 16.69 -16.62
N LYS A 7 -9.57 17.45 -16.64
CA LYS A 7 -10.82 17.03 -16.02
C LYS A 7 -11.61 16.26 -17.06
N LEU A 8 -11.68 14.94 -16.90
CA LEU A 8 -12.49 14.19 -17.86
C LEU A 8 -13.84 13.84 -17.25
N PRO A 9 -14.91 13.87 -18.04
CA PRO A 9 -16.19 13.35 -17.55
C PRO A 9 -16.05 11.88 -17.19
N ILE A 10 -16.63 11.49 -16.05
CA ILE A 10 -16.56 10.10 -15.64
C ILE A 10 -17.21 9.20 -16.67
N GLU A 11 -18.29 9.65 -17.30
CA GLU A 11 -19.01 8.83 -18.27
C GLU A 11 -18.20 8.61 -19.55
N SER A 12 -17.13 9.37 -19.77
CA SER A 12 -16.29 9.17 -20.95
C SER A 12 -15.15 8.20 -20.67
N ILE A 13 -15.04 7.70 -19.44
CA ILE A 13 -13.99 6.79 -19.01
C ILE A 13 -14.61 5.43 -18.73
N HIS A 14 -14.00 4.37 -19.25
CA HIS A 14 -14.42 3.01 -18.94
C HIS A 14 -13.24 2.18 -18.42
N ARG A 15 -13.57 1.10 -17.73
CA ARG A 15 -12.56 0.27 -17.08
C ARG A 15 -11.80 -0.58 -18.10
N ASP A 16 -10.64 -1.09 -17.66
CA ASP A 16 -9.86 -2.06 -18.42
C ASP A 16 -10.20 -3.46 -17.90
N LYS A 17 -10.93 -4.24 -18.71
CA LYS A 17 -11.38 -5.54 -18.24
C LYS A 17 -10.23 -6.50 -17.95
N ASP A 18 -9.04 -6.23 -18.49
CA ASP A 18 -7.84 -7.05 -18.30
C ASP A 18 -6.85 -6.47 -17.29
N GLN A 19 -7.28 -5.49 -16.50
CA GLN A 19 -6.33 -4.87 -15.58
CA GLN A 19 -6.39 -4.85 -15.53
C GLN A 19 -6.01 -5.81 -14.40
N PRO A 20 -4.86 -5.60 -13.77
CA PRO A 20 -4.33 -6.60 -12.82
C PRO A 20 -5.18 -6.85 -11.60
N ARG A 21 -5.97 -5.88 -11.17
CA ARG A 21 -6.79 -6.05 -9.97
C ARG A 21 -8.10 -6.73 -10.34
N THR A 22 -8.43 -7.80 -9.62
CA THR A 22 -9.70 -8.46 -9.81
C THR A 22 -10.61 -8.38 -8.59
N TYR A 23 -10.06 -8.14 -7.41
CA TYR A 23 -10.87 -8.03 -6.19
C TYR A 23 -11.01 -6.57 -5.80
N PHE A 24 -12.25 -6.13 -5.55
CA PHE A 24 -12.55 -4.76 -5.14
C PHE A 24 -13.28 -4.81 -3.80
N ASP A 25 -12.52 -4.61 -2.71
CA ASP A 25 -13.11 -4.54 -1.38
C ASP A 25 -14.11 -3.39 -1.29
N GLU A 26 -15.37 -3.71 -0.94
CA GLU A 26 -16.40 -2.67 -0.88
C GLU A 26 -16.15 -1.67 0.25
N GLU A 27 -15.72 -2.14 1.43
CA GLU A 27 -15.46 -1.23 2.53
C GLU A 27 -14.35 -0.24 2.18
N LYS A 28 -13.28 -0.73 1.55
CA LYS A 28 -12.19 0.17 1.16
C LYS A 28 -12.64 1.15 0.09
N LEU A 29 -13.49 0.73 -0.85
CA LEU A 29 -14.04 1.67 -1.81
C LEU A 29 -14.88 2.75 -1.13
N LYS A 30 -15.66 2.34 -0.12
CA LYS A 30 -16.43 3.30 0.66
C LYS A 30 -15.52 4.33 1.33
N GLU A 31 -14.46 3.86 1.98
CA GLU A 31 -13.51 4.77 2.60
C GLU A 31 -12.91 5.71 1.56
N LEU A 32 -12.46 5.17 0.42
CA LEU A 32 -11.89 6.02 -0.62
C LEU A 32 -12.88 7.09 -1.06
N SER A 33 -14.14 6.69 -1.27
CA SER A 33 -15.17 7.65 -1.67
C SER A 33 -15.34 8.74 -0.62
N GLU A 34 -15.35 8.40 0.67
CA GLU A 34 -15.49 9.43 1.69
C GLU A 34 -14.28 10.37 1.70
N SER A 35 -13.08 9.83 1.50
CA SER A 35 -11.90 10.69 1.39
C SER A 35 -12.03 11.64 0.21
N ILE A 36 -12.63 11.17 -0.90
CA ILE A 36 -12.78 12.03 -2.07
C ILE A 36 -13.83 13.11 -1.81
N LYS A 37 -14.90 12.78 -1.08
CA LYS A 37 -15.87 13.80 -0.68
C LYS A 37 -15.20 14.91 0.10
N ALA A 38 -14.19 14.56 0.92
CA ALA A 38 -13.52 15.53 1.77
C ALA A 38 -12.44 16.29 1.03
N GLN A 39 -11.65 15.60 0.20
CA GLN A 39 -10.44 16.17 -0.37
C GLN A 39 -10.41 16.26 -1.90
N GLY A 40 -11.40 15.70 -2.59
CA GLY A 40 -11.27 15.49 -4.02
C GLY A 40 -10.29 14.36 -4.30
N VAL A 41 -10.06 14.12 -5.59
CA VAL A 41 -9.06 13.14 -6.02
C VAL A 41 -7.70 13.84 -6.05
N LEU A 42 -6.76 13.38 -5.21
CA LEU A 42 -5.44 13.99 -5.05
C LEU A 42 -4.48 13.62 -6.17
N GLN A 43 -4.58 12.40 -6.69
N GLN A 43 -4.56 12.40 -6.68
CA GLN A 43 -3.65 11.85 -7.67
CA GLN A 43 -3.63 11.89 -7.68
C GLN A 43 -4.41 11.55 -8.95
C GLN A 43 -4.39 11.57 -8.95
N PRO A 44 -4.13 12.24 -10.06
CA PRO A 44 -4.88 11.96 -11.30
C PRO A 44 -4.75 10.50 -11.72
N ILE A 45 -5.83 9.95 -12.27
CA ILE A 45 -5.75 8.60 -12.83
C ILE A 45 -5.05 8.65 -14.18
N LEU A 46 -4.53 7.50 -14.60
CA LEU A 46 -3.90 7.35 -15.90
C LEU A 46 -4.86 6.65 -16.85
N VAL A 47 -5.09 7.24 -18.02
CA VAL A 47 -6.01 6.71 -19.01
C VAL A 47 -5.38 6.66 -20.39
N ARG A 48 -5.98 5.85 -21.25
CA ARG A 48 -5.59 5.65 -22.62
C ARG A 48 -6.79 5.98 -23.50
N LYS A 49 -6.57 6.66 -24.62
CA LYS A 49 -7.65 6.81 -25.59
C LYS A 49 -8.09 5.42 -26.05
N ASP A 50 -9.41 5.19 -26.05
CA ASP A 50 -9.93 3.86 -26.35
C ASP A 50 -11.38 3.98 -26.78
N GLY A 51 -11.72 3.41 -27.93
CA GLY A 51 -13.08 3.54 -28.42
C GLY A 51 -13.43 5.00 -28.61
N ASP A 52 -14.66 5.36 -28.25
CA ASP A 52 -15.11 6.75 -28.29
C ASP A 52 -14.83 7.50 -27.01
N GLY A 53 -14.05 6.93 -26.10
CA GLY A 53 -13.71 7.59 -24.86
C GLY A 53 -12.29 7.29 -24.40
N TYR A 54 -12.14 6.91 -23.14
CA TYR A 54 -10.85 6.54 -22.57
C TYR A 54 -11.00 5.25 -21.78
N ARG A 55 -9.93 4.44 -21.83
CA ARG A 55 -9.78 3.27 -20.98
C ARG A 55 -8.84 3.61 -19.83
N ILE A 56 -9.15 3.07 -18.64
CA ILE A 56 -8.28 3.27 -17.49
C ILE A 56 -7.01 2.45 -17.65
N ILE A 57 -5.87 3.07 -17.40
CA ILE A 57 -4.62 2.34 -17.22
C ILE A 57 -4.41 1.99 -15.76
N ALA A 58 -4.46 3.01 -14.89
CA ALA A 58 -4.34 2.85 -13.45
C ALA A 58 -5.28 3.87 -12.80
N GLY A 59 -6.03 3.41 -11.81
CA GLY A 59 -6.97 4.27 -11.11
C GLY A 59 -8.43 3.86 -11.17
N GLU A 60 -8.71 2.56 -11.31
CA GLU A 60 -10.12 2.16 -11.35
C GLU A 60 -10.83 2.46 -10.03
N ARG A 61 -10.15 2.28 -8.89
CA ARG A 61 -10.80 2.56 -7.61
C ARG A 61 -11.19 4.04 -7.49
N ARG A 62 -10.24 4.93 -7.83
CA ARG A 62 -10.55 6.37 -7.82
C ARG A 62 -11.75 6.68 -8.69
N TRP A 63 -11.82 6.02 -9.86
CA TRP A 63 -12.93 6.25 -10.78
C TRP A 63 -14.25 5.74 -10.20
N ARG A 64 -14.25 4.53 -9.64
CA ARG A 64 -15.46 4.01 -9.01
C ARG A 64 -15.89 4.86 -7.82
N ALA A 65 -14.93 5.24 -6.97
CA ALA A 65 -15.25 6.00 -5.78
C ALA A 65 -15.75 7.40 -6.15
N SER A 66 -15.18 8.00 -7.20
CA SER A 66 -15.65 9.31 -7.62
C SER A 66 -17.11 9.26 -8.05
N GLN A 67 -17.49 8.23 -8.82
CA GLN A 67 -18.89 8.05 -9.16
C GLN A 67 -19.74 7.94 -7.90
N ALA A 68 -19.32 7.09 -6.95
CA ALA A 68 -20.08 6.92 -5.71
C ALA A 68 -20.14 8.20 -4.90
N ALA A 69 -19.12 9.05 -5.01
CA ALA A 69 -19.13 10.33 -4.31
C ALA A 69 -20.02 11.36 -4.99
N GLY A 70 -20.52 11.07 -6.20
CA GLY A 70 -21.33 12.02 -6.93
C GLY A 70 -20.57 13.01 -7.78
N LEU A 71 -19.28 12.80 -8.02
CA LEU A 71 -18.54 13.65 -8.95
C LEU A 71 -18.94 13.37 -10.39
N LYS A 72 -18.92 14.41 -11.21
CA LYS A 72 -19.17 14.27 -12.63
C LYS A 72 -17.90 14.19 -13.47
N GLU A 73 -16.75 14.57 -12.92
CA GLU A 73 -15.49 14.48 -13.62
C GLU A 73 -14.41 13.98 -12.68
N VAL A 74 -13.29 13.56 -13.26
CA VAL A 74 -12.17 13.03 -12.49
C VAL A 74 -10.89 13.54 -13.12
N PRO A 75 -9.89 13.94 -12.33
CA PRO A 75 -8.61 14.35 -12.92
C PRO A 75 -7.91 13.15 -13.55
N ALA A 76 -7.34 13.37 -14.73
CA ALA A 76 -6.73 12.28 -15.46
C ALA A 76 -5.52 12.77 -16.25
N ILE A 77 -4.58 11.86 -16.48
CA ILE A 77 -3.45 12.07 -17.38
C ILE A 77 -3.61 11.09 -18.53
N VAL A 78 -3.63 11.61 -19.75
CA VAL A 78 -3.78 10.80 -20.94
C VAL A 78 -2.40 10.37 -21.40
N ARG A 79 -2.17 9.05 -21.44
CA ARG A 79 -0.90 8.48 -21.87
C ARG A 79 -1.08 7.84 -23.23
N ASP A 80 -0.15 8.10 -24.14
CA ASP A 80 -0.09 7.41 -25.43
C ASP A 80 0.94 6.31 -25.25
N VAL A 81 0.48 5.09 -24.96
CA VAL A 81 1.35 3.96 -24.69
C VAL A 81 0.84 2.73 -25.43
N THR A 82 1.73 1.75 -25.59
CA THR A 82 1.33 0.45 -26.09
C THR A 82 0.50 -0.27 -25.03
N GLU A 83 -0.16 -1.36 -25.44
CA GLU A 83 -0.89 -2.17 -24.47
C GLU A 83 0.06 -2.77 -23.45
N VAL A 84 1.24 -3.23 -23.88
CA VAL A 84 2.20 -3.81 -22.96
C VAL A 84 2.67 -2.76 -21.95
N GLN A 85 3.01 -1.56 -22.42
CA GLN A 85 3.48 -0.55 -21.47
C GLN A 85 2.37 -0.14 -20.51
N ALA A 86 1.13 -0.05 -20.99
CA ALA A 86 0.03 0.31 -20.10
C ALA A 86 -0.09 -0.71 -18.97
N PHE A 87 0.04 -2.00 -19.29
CA PHE A 87 -0.04 -3.01 -18.24
C PHE A 87 1.13 -2.90 -17.27
N GLU A 88 2.33 -2.57 -17.77
CA GLU A 88 3.47 -2.33 -16.90
C GLU A 88 3.18 -1.17 -15.94
N LEU A 89 2.62 -0.08 -16.45
CA LEU A 89 2.29 1.07 -15.62
C LEU A 89 1.29 0.71 -14.54
N ALA A 90 0.28 -0.10 -14.87
CA ALA A 90 -0.69 -0.54 -13.87
C ALA A 90 -0.01 -1.31 -12.75
N LEU A 91 0.89 -2.23 -13.10
CA LEU A 91 1.62 -2.96 -12.07
C LEU A 91 2.54 -2.04 -11.27
N VAL A 92 3.26 -1.15 -11.95
CA VAL A 92 4.17 -0.26 -11.22
C VAL A 92 3.38 0.62 -10.26
N GLU A 93 2.25 1.19 -10.71
CA GLU A 93 1.50 2.11 -9.87
C GLU A 93 1.08 1.46 -8.56
N ASN A 94 0.76 0.17 -8.60
CA ASN A 94 0.28 -0.51 -7.41
C ASN A 94 1.40 -1.16 -6.60
N LEU A 95 2.46 -1.63 -7.26
CA LEU A 95 3.48 -2.41 -6.55
C LEU A 95 4.66 -1.58 -6.07
N GLN A 96 4.79 -0.32 -6.49
CA GLN A 96 5.89 0.53 -6.05
C GLN A 96 5.42 1.53 -4.99
N ARG A 97 4.98 1.00 -3.85
CA ARG A 97 4.45 1.82 -2.76
C ARG A 97 4.92 1.26 -1.42
N ALA A 98 5.01 2.13 -0.43
CA ALA A 98 5.30 1.74 0.94
C ALA A 98 4.29 2.40 1.86
N ASP A 99 3.56 1.60 2.62
CA ASP A 99 2.56 2.11 3.55
C ASP A 99 3.21 2.74 4.78
N LEU A 100 2.51 3.70 5.38
CA LEU A 100 2.81 4.07 6.75
C LEU A 100 2.59 2.88 7.66
N ASN A 101 3.46 2.70 8.65
CA ASN A 101 3.25 1.62 9.61
C ASN A 101 2.19 2.05 10.61
N PRO A 102 1.66 1.12 11.40
CA PRO A 102 0.54 1.47 12.30
C PRO A 102 0.84 2.63 13.23
N ILE A 103 2.09 2.73 13.72
CA ILE A 103 2.43 3.82 14.63
C ILE A 103 2.47 5.15 13.87
N GLU A 104 3.11 5.17 12.70
CA GLU A 104 3.11 6.38 11.89
C GLU A 104 1.68 6.85 11.61
N GLU A 105 0.79 5.91 11.28
CA GLU A 105 -0.61 6.26 11.08
C GLU A 105 -1.22 6.85 12.35
N ALA A 106 -0.99 6.17 13.48
CA ALA A 106 -1.57 6.63 14.74
C ALA A 106 -1.06 8.02 15.13
N GLU A 107 0.26 8.24 15.01
CA GLU A 107 0.82 9.55 15.33
C GLU A 107 0.28 10.62 14.40
N GLY A 108 -0.06 10.25 13.15
CA GLY A 108 -0.66 11.21 12.24
C GLY A 108 -2.02 11.69 12.71
N TYR A 109 -2.88 10.75 13.12
CA TYR A 109 -4.16 11.12 13.72
C TYR A 109 -3.96 11.97 14.96
N LYS A 110 -2.98 11.60 15.78
CA LYS A 110 -2.77 12.34 17.03
C LYS A 110 -2.31 13.76 16.76
N ARG A 111 -1.52 13.97 15.70
CA ARG A 111 -1.12 15.33 15.36
C ARG A 111 -2.31 16.18 14.94
N LEU A 112 -3.22 15.60 14.13
CA LEU A 112 -4.42 16.33 13.73
C LEU A 112 -5.23 16.76 14.95
N VAL A 113 -5.26 15.92 15.98
CA VAL A 113 -6.01 16.25 17.18
C VAL A 113 -5.21 17.23 18.04
N ASP A 114 -4.00 16.85 18.45
CA ASP A 114 -3.29 17.62 19.46
C ASP A 114 -2.77 18.94 18.89
N GLU A 115 -2.17 18.90 17.69
CA GLU A 115 -1.57 20.12 17.13
C GLU A 115 -2.57 20.96 16.36
N PHE A 116 -3.28 20.36 15.42
CA PHE A 116 -4.21 21.09 14.56
C PHE A 116 -5.61 21.21 15.14
N LYS A 117 -5.88 20.55 16.28
CA LYS A 117 -7.11 20.75 17.06
C LYS A 117 -8.36 20.27 16.34
N LEU A 118 -8.24 19.23 15.53
CA LEU A 118 -9.42 18.51 15.07
C LEU A 118 -9.94 17.62 16.19
N THR A 119 -11.23 17.34 16.14
CA THR A 119 -11.78 16.26 16.95
C THR A 119 -11.45 14.92 16.29
N GLN A 120 -11.55 13.83 17.07
CA GLN A 120 -11.42 12.51 16.46
C GLN A 120 -12.48 12.30 15.41
N GLU A 121 -13.70 12.81 15.65
CA GLU A 121 -14.76 12.74 14.64
C GLU A 121 -14.32 13.41 13.35
N GLN A 122 -13.70 14.59 13.44
CA GLN A 122 -13.29 15.30 12.24
C GLN A 122 -12.15 14.59 11.53
N VAL A 123 -11.24 13.97 12.28
CA VAL A 123 -10.19 13.18 11.65
C VAL A 123 -10.80 12.11 10.75
N SER A 124 -11.82 11.42 11.25
CA SER A 124 -12.48 10.39 10.46
CA SER A 124 -12.48 10.39 10.46
C SER A 124 -13.05 10.97 9.17
N VAL A 125 -13.74 12.11 9.29
CA VAL A 125 -14.36 12.74 8.13
C VAL A 125 -13.30 13.21 7.13
N ARG A 126 -12.27 13.89 7.61
CA ARG A 126 -11.34 14.55 6.69
C ARG A 126 -10.40 13.56 6.02
N VAL A 127 -10.08 12.45 6.67
CA VAL A 127 -9.20 11.44 6.09
C VAL A 127 -9.97 10.28 5.47
N GLY A 128 -11.27 10.17 5.74
CA GLY A 128 -12.08 9.12 5.14
C GLY A 128 -11.94 7.75 5.78
N LYS A 129 -11.62 7.69 7.08
CA LYS A 129 -11.49 6.42 7.79
C LYS A 129 -12.60 6.26 8.82
N GLU A 130 -13.01 5.01 9.03
CA GLU A 130 -14.06 4.72 10.01
C GLU A 130 -13.62 5.18 11.40
N ARG A 131 -14.62 5.57 12.21
CA ARG A 131 -14.31 6.06 13.55
C ARG A 131 -13.58 4.99 14.37
N SER A 132 -13.96 3.72 14.22
CA SER A 132 -13.29 2.66 14.97
C SER A 132 -11.82 2.57 14.59
N THR A 133 -11.49 2.78 13.31
CA THR A 133 -10.10 2.73 12.88
C THR A 133 -9.26 3.83 13.54
N VAL A 134 -9.76 5.06 13.57
CA VAL A 134 -9.01 6.14 14.20
C VAL A 134 -8.83 5.85 15.68
N ALA A 135 -9.90 5.45 16.37
CA ALA A 135 -9.82 5.19 17.80
C ALA A 135 -8.83 4.08 18.10
N ASN A 136 -8.91 2.96 17.36
CA ASN A 136 -8.02 1.84 17.64
C ASN A 136 -6.56 2.21 17.39
N ALA A 137 -6.30 2.96 16.32
CA ALA A 137 -4.92 3.41 16.07
C ALA A 137 -4.42 4.26 17.23
N LEU A 138 -5.22 5.22 17.69
CA LEU A 138 -4.79 6.06 18.80
C LEU A 138 -4.51 5.25 20.06
N ARG A 139 -5.29 4.19 20.30
CA ARG A 139 -5.08 3.36 21.48
C ARG A 139 -3.72 2.67 21.47
N LEU A 140 -3.12 2.50 20.29
CA LEU A 140 -1.78 1.92 20.20
C LEU A 140 -0.74 2.79 20.90
N LEU A 141 -0.97 4.10 20.94
CA LEU A 141 0.06 5.01 21.45
C LEU A 141 0.16 4.99 22.96
N ALA A 142 -0.73 4.28 23.65
CA ALA A 142 -0.58 4.04 25.07
C ALA A 142 0.44 2.95 25.37
N LEU A 143 0.86 2.18 24.36
CA LEU A 143 1.86 1.16 24.55
C LEU A 143 3.23 1.80 24.84
N PRO A 144 4.11 1.08 25.51
CA PRO A 144 5.46 1.61 25.75
C PRO A 144 6.25 1.69 24.45
N THR A 145 7.24 2.58 24.45
CA THR A 145 8.14 2.78 23.31
C THR A 145 8.57 1.46 22.70
N ASP A 146 9.24 0.62 23.49
CA ASP A 146 9.79 -0.60 22.92
C ASP A 146 8.70 -1.45 22.28
N VAL A 147 7.50 -1.44 22.84
CA VAL A 147 6.41 -2.25 22.29
C VAL A 147 5.89 -1.64 20.99
N LYS A 148 5.68 -0.32 20.95
CA LYS A 148 5.21 0.25 19.69
C LYS A 148 6.28 0.22 18.62
N GLY A 149 7.55 0.12 19.01
CA GLY A 149 8.58 -0.16 18.01
C GLY A 149 8.39 -1.51 17.35
N MET A 150 8.02 -2.52 18.14
CA MET A 150 7.74 -3.84 17.57
C MET A 150 6.49 -3.80 16.71
N VAL A 151 5.49 -3.00 17.09
CA VAL A 151 4.34 -2.76 16.21
C VAL A 151 4.79 -2.05 14.95
N ALA A 152 5.68 -1.06 15.08
CA ALA A 152 6.11 -0.29 13.93
C ALA A 152 6.80 -1.16 12.89
N ASP A 153 7.67 -2.07 13.33
CA ASP A 153 8.43 -2.90 12.40
C ASP A 153 7.75 -4.23 12.06
N GLY A 154 6.55 -4.47 12.58
CA GLY A 154 5.81 -5.68 12.26
C GLY A 154 6.10 -6.88 13.13
N SER A 155 6.94 -6.74 14.15
CA SER A 155 7.13 -7.83 15.10
C SER A 155 5.81 -8.20 15.78
N LEU A 156 5.00 -7.19 16.10
CA LEU A 156 3.69 -7.40 16.72
C LEU A 156 2.61 -6.99 15.73
N SER A 157 1.64 -7.87 15.51
CA SER A 157 0.53 -7.56 14.63
C SER A 157 -0.44 -6.61 15.32
N MET A 158 -1.51 -6.27 14.61
CA MET A 158 -2.54 -5.43 15.21
C MET A 158 -3.25 -6.17 16.33
N GLY A 159 -3.59 -7.44 16.11
CA GLY A 159 -4.26 -8.22 17.14
C GLY A 159 -3.36 -8.47 18.34
N HIS A 160 -2.07 -8.67 18.10
CA HIS A 160 -1.14 -8.83 19.20
C HIS A 160 -1.11 -7.58 20.07
N ALA A 161 -1.09 -6.39 19.43
CA ALA A 161 -1.13 -5.15 20.18
C ALA A 161 -2.45 -5.02 20.95
N ARG A 162 -3.58 -5.34 20.30
CA ARG A 162 -4.87 -5.22 20.95
C ARG A 162 -4.89 -5.98 22.27
N ALA A 163 -4.42 -7.23 22.25
CA ALA A 163 -4.42 -8.03 23.46
C ALA A 163 -3.52 -7.42 24.53
N LEU A 164 -2.32 -6.97 24.12
CA LEU A 164 -1.36 -6.46 25.09
C LEU A 164 -1.84 -5.19 25.80
N LEU A 165 -2.80 -4.45 25.21
CA LEU A 165 -3.37 -3.31 25.92
C LEU A 165 -4.09 -3.73 27.18
N GLY A 166 -4.52 -5.00 27.28
CA GLY A 166 -5.21 -5.49 28.45
C GLY A 166 -4.34 -5.81 29.64
N VAL A 167 -3.01 -5.74 29.48
CA VAL A 167 -2.10 -5.99 30.60
C VAL A 167 -2.10 -4.77 31.50
N PRO A 168 -2.36 -4.94 32.81
CA PRO A 168 -2.47 -3.76 33.68
C PRO A 168 -1.15 -3.08 33.96
N ARG A 169 -0.07 -3.84 34.13
CA ARG A 169 1.23 -3.31 34.55
C ARG A 169 2.18 -3.25 33.36
N LEU A 170 2.79 -2.08 33.15
CA LEU A 170 3.69 -1.90 32.02
C LEU A 170 4.88 -2.85 32.04
N PRO A 171 5.55 -3.08 33.17
CA PRO A 171 6.68 -4.03 33.15
C PRO A 171 6.28 -5.41 32.64
N GLU A 172 5.11 -5.91 33.04
CA GLU A 172 4.66 -7.22 32.56
C GLU A 172 4.17 -7.15 31.12
N LEU A 173 3.58 -6.02 30.72
CA LEU A 173 3.20 -5.85 29.32
C LEU A 173 4.42 -5.97 28.42
N GLN A 174 5.50 -5.30 28.79
CA GLN A 174 6.72 -5.34 27.98
C GLN A 174 7.29 -6.76 27.91
N ASN A 175 7.25 -7.49 29.03
CA ASN A 175 7.81 -8.84 29.04
C ASN A 175 6.99 -9.80 28.20
N LEU A 176 5.66 -9.73 28.29
CA LEU A 176 4.83 -10.51 27.37
C LEU A 176 5.07 -10.08 25.92
N ALA A 177 5.18 -8.77 25.68
CA ALA A 177 5.42 -8.29 24.32
C ALA A 177 6.67 -8.94 23.73
N LYS A 178 7.78 -8.93 24.46
CA LYS A 178 8.99 -9.59 23.98
C LYS A 178 8.76 -11.07 23.76
N GLN A 179 8.12 -11.73 24.74
CA GLN A 179 7.88 -13.16 24.63
C GLN A 179 7.01 -13.49 23.42
N VAL A 180 5.94 -12.72 23.22
CA VAL A 180 5.04 -12.98 22.10
C VAL A 180 5.77 -12.77 20.78
N ALA A 181 6.49 -11.65 20.66
CA ALA A 181 7.17 -11.34 19.41
C ALA A 181 8.34 -12.29 19.16
N ASP A 182 9.11 -12.60 20.20
CA ASP A 182 10.28 -13.45 20.02
C ASP A 182 9.89 -14.89 19.69
N LYS A 183 8.84 -15.40 20.34
CA LYS A 183 8.35 -16.75 20.06
C LYS A 183 7.34 -16.80 18.92
N LYS A 184 6.95 -15.64 18.37
CA LYS A 184 5.94 -15.58 17.32
C LYS A 184 4.70 -16.38 17.71
N LEU A 185 4.15 -16.06 18.88
CA LEU A 185 2.92 -16.72 19.32
C LEU A 185 1.74 -16.20 18.52
N SER A 186 0.67 -17.00 18.51
CA SER A 186 -0.56 -16.60 17.83
C SER A 186 -1.27 -15.51 18.63
N VAL A 187 -2.23 -14.86 17.96
CA VAL A 187 -3.06 -13.88 18.67
C VAL A 187 -3.83 -14.55 19.79
N ARG A 188 -4.45 -15.70 19.50
CA ARG A 188 -5.23 -16.39 20.51
C ARG A 188 -4.38 -16.78 21.71
N ASP A 189 -3.17 -17.30 21.46
CA ASP A 189 -2.27 -17.63 22.55
C ASP A 189 -1.93 -16.39 23.36
N THR A 190 -1.59 -15.30 22.68
CA THR A 190 -1.30 -14.05 23.38
C THR A 190 -2.45 -13.64 24.28
N GLU A 191 -3.69 -13.81 23.82
CA GLU A 191 -4.84 -13.43 24.63
C GLU A 191 -4.91 -14.22 25.92
N ARG A 192 -4.65 -15.53 25.85
CA ARG A 192 -4.69 -16.36 27.06
C ARG A 192 -3.65 -15.90 28.07
N LEU A 193 -2.44 -15.58 27.61
CA LEU A 193 -1.42 -15.04 28.50
C LEU A 193 -1.93 -13.80 29.23
N VAL A 194 -2.59 -12.90 28.50
CA VAL A 194 -2.96 -11.61 29.04
C VAL A 194 -3.99 -11.77 30.15
N GLN A 195 -4.93 -12.70 29.96
CA GLN A 195 -5.97 -12.95 30.96
C GLN A 195 -5.36 -13.44 32.27
N GLN A 196 -4.36 -14.32 32.20
CA GLN A 196 -3.70 -14.79 33.42
C GLN A 196 -3.09 -13.63 34.19
N SER A 197 -2.50 -12.68 33.48
CA SER A 197 -1.76 -11.58 34.08
C SER A 197 -2.66 -10.57 34.80
N GLY B 4 -1.68 22.52 -14.52
CA GLY B 4 -1.75 21.13 -14.12
C GLY B 4 -0.45 20.57 -13.57
N VAL B 5 0.21 19.74 -14.38
CA VAL B 5 1.44 19.07 -13.97
C VAL B 5 2.62 19.88 -14.48
N LEU B 6 3.36 20.49 -13.56
CA LEU B 6 4.66 21.06 -13.85
C LEU B 6 5.73 19.99 -13.76
N LYS B 7 6.83 20.22 -14.45
CA LYS B 7 8.09 19.53 -14.18
C LYS B 7 8.94 20.49 -13.35
N LEU B 8 9.13 20.14 -12.08
CA LEU B 8 9.89 21.02 -11.19
C LEU B 8 11.30 20.49 -11.00
N PRO B 9 12.32 21.35 -10.96
CA PRO B 9 13.67 20.87 -10.64
C PRO B 9 13.68 20.24 -9.26
N ILE B 10 14.34 19.09 -9.13
CA ILE B 10 14.42 18.45 -7.81
C ILE B 10 15.06 19.38 -6.79
N GLU B 11 16.05 20.16 -7.22
CA GLU B 11 16.72 21.06 -6.28
C GLU B 11 15.80 22.17 -5.78
N SER B 12 14.69 22.43 -6.46
CA SER B 12 13.72 23.43 -6.01
C SER B 12 12.76 22.89 -4.97
N ILE B 13 12.86 21.61 -4.63
CA ILE B 13 11.91 20.93 -3.75
C ILE B 13 12.65 20.48 -2.51
N HIS B 14 12.04 20.68 -1.34
CA HIS B 14 12.63 20.22 -0.11
C HIS B 14 11.57 19.46 0.69
N ARG B 15 12.06 18.57 1.55
CA ARG B 15 11.17 17.70 2.31
C ARG B 15 10.41 18.48 3.38
N ASP B 16 9.30 17.90 3.81
CA ASP B 16 8.57 18.37 4.98
C ASP B 16 9.08 17.61 6.20
N LYS B 17 9.82 18.29 7.06
CA LYS B 17 10.41 17.65 8.22
C LYS B 17 9.36 17.07 9.17
N ASP B 18 8.12 17.53 9.07
CA ASP B 18 7.04 17.09 9.96
C ASP B 18 6.08 16.13 9.27
N GLN B 19 6.47 15.55 8.13
CA GLN B 19 5.59 14.67 7.40
CA GLN B 19 5.55 14.67 7.40
C GLN B 19 5.34 13.38 8.17
N PRO B 20 4.23 12.68 7.89
CA PRO B 20 3.86 11.50 8.70
C PRO B 20 4.82 10.33 8.60
N ARG B 21 5.51 10.16 7.47
CA ARG B 21 6.46 9.06 7.35
C ARG B 21 7.78 9.45 7.99
N THR B 22 8.26 8.62 8.91
CA THR B 22 9.58 8.77 9.51
C THR B 22 10.56 7.69 9.10
N TYR B 23 10.09 6.51 8.71
CA TYR B 23 10.95 5.41 8.31
C TYR B 23 10.97 5.30 6.78
N PHE B 24 12.17 5.25 6.21
CA PHE B 24 12.37 5.15 4.76
C PHE B 24 13.19 3.88 4.48
N ASP B 25 12.51 2.81 4.12
CA ASP B 25 13.18 1.55 3.79
C ASP B 25 14.05 1.73 2.55
N GLU B 26 15.36 1.49 2.70
CA GLU B 26 16.27 1.74 1.59
C GLU B 26 16.07 0.74 0.46
N GLU B 27 15.76 -0.51 0.79
CA GLU B 27 15.54 -1.52 -0.24
C GLU B 27 14.33 -1.16 -1.10
N LYS B 28 13.25 -0.69 -0.47
CA LYS B 28 12.07 -0.30 -1.23
C LYS B 28 12.33 0.99 -2.02
N LEU B 29 13.11 1.92 -1.46
CA LEU B 29 13.50 3.10 -2.22
C LEU B 29 14.30 2.71 -3.46
N LYS B 30 15.13 1.68 -3.34
CA LYS B 30 15.90 1.21 -4.49
C LYS B 30 14.98 0.70 -5.59
N GLU B 31 13.97 -0.10 -5.22
CA GLU B 31 13.02 -0.59 -6.22
C GLU B 31 12.26 0.55 -6.86
N LEU B 32 11.83 1.53 -6.07
CA LEU B 32 11.12 2.67 -6.62
C LEU B 32 12.00 3.39 -7.63
N SER B 33 13.27 3.60 -7.30
CA SER B 33 14.20 4.23 -8.23
C SER B 33 14.34 3.43 -9.53
N GLU B 34 14.45 2.10 -9.42
CA GLU B 34 14.52 1.27 -10.63
C GLU B 34 13.27 1.43 -11.48
N SER B 35 12.09 1.46 -10.85
CA SER B 35 10.86 1.65 -11.59
C SER B 35 10.82 3.01 -12.27
N ILE B 36 11.38 4.03 -11.61
CA ILE B 36 11.41 5.36 -12.20
C ILE B 36 12.36 5.41 -13.40
N LYS B 37 13.50 4.72 -13.31
CA LYS B 37 14.38 4.63 -14.47
C LYS B 37 13.65 4.01 -15.66
N ALA B 38 12.80 3.02 -15.40
CA ALA B 38 12.12 2.30 -16.47
C ALA B 38 10.91 3.07 -17.00
N GLN B 39 10.16 3.72 -16.10
CA GLN B 39 8.86 4.28 -16.46
C GLN B 39 8.74 5.77 -16.19
N GLY B 40 9.71 6.40 -15.54
CA GLY B 40 9.53 7.74 -15.02
C GLY B 40 8.58 7.71 -13.82
N VAL B 41 8.30 8.90 -13.28
CA VAL B 41 7.32 9.02 -12.20
C VAL B 41 5.92 9.05 -12.82
N LEU B 42 5.09 8.07 -12.47
CA LEU B 42 3.76 7.99 -13.07
C LEU B 42 2.75 8.95 -12.46
N GLN B 43 2.87 9.23 -11.16
N GLN B 43 2.87 9.23 -11.16
CA GLN B 43 1.90 10.07 -10.46
CA GLN B 43 1.91 10.07 -10.44
C GLN B 43 2.61 11.30 -9.90
C GLN B 43 2.62 11.29 -9.89
N PRO B 44 2.22 12.51 -10.27
CA PRO B 44 2.93 13.70 -9.81
C PRO B 44 2.89 13.80 -8.28
N ILE B 45 3.99 14.27 -7.71
CA ILE B 45 3.99 14.58 -6.29
C ILE B 45 3.19 15.84 -6.04
N LEU B 46 2.72 15.98 -4.80
CA LEU B 46 2.01 17.18 -4.37
C LEU B 46 2.97 18.04 -3.56
N VAL B 47 3.07 19.32 -3.92
CA VAL B 47 3.96 20.24 -3.24
C VAL B 47 3.22 21.52 -2.92
N ARG B 48 3.85 22.31 -2.06
CA ARG B 48 3.39 23.61 -1.62
C ARG B 48 4.53 24.60 -1.87
N LYS B 49 4.21 25.78 -2.37
CA LYS B 49 5.24 26.81 -2.37
C LYS B 49 5.70 27.07 -0.94
N ASP B 50 7.01 27.18 -0.77
CA ASP B 50 7.61 27.29 0.55
C ASP B 50 9.06 27.75 0.44
N GLY B 51 9.42 28.79 1.19
CA GLY B 51 10.80 29.25 1.19
C GLY B 51 11.26 29.65 -0.21
N ASP B 52 12.46 29.20 -0.57
CA ASP B 52 13.05 29.49 -1.86
C ASP B 52 12.58 28.52 -2.95
N GLY B 53 11.46 27.84 -2.75
CA GLY B 53 11.08 26.77 -3.65
C GLY B 53 9.76 26.13 -3.28
N TYR B 54 9.75 24.82 -3.15
CA TYR B 54 8.55 24.09 -2.79
C TYR B 54 8.85 23.09 -1.68
N ARG B 55 7.83 22.85 -0.86
CA ARG B 55 7.87 21.84 0.19
C ARG B 55 6.94 20.71 -0.23
N ILE B 56 7.40 19.47 -0.06
CA ILE B 56 6.59 18.31 -0.41
C ILE B 56 5.39 18.21 0.53
N ILE B 57 4.22 17.97 -0.06
CA ILE B 57 3.03 17.61 0.70
C ILE B 57 2.98 16.09 0.78
N ALA B 58 2.95 15.44 -0.39
CA ALA B 58 3.00 13.99 -0.47
C ALA B 58 3.90 13.61 -1.64
N GLY B 59 4.78 12.64 -1.42
CA GLY B 59 5.66 12.20 -2.48
C GLY B 59 7.14 12.25 -2.16
N GLU B 60 7.51 12.15 -0.89
CA GLU B 60 8.94 12.22 -0.56
C GLU B 60 9.72 11.04 -1.15
N ARG B 61 9.14 9.83 -1.14
CA ARG B 61 9.87 8.70 -1.73
C ARG B 61 10.12 8.93 -3.22
N ARG B 62 9.08 9.35 -3.95
CA ARG B 62 9.26 9.63 -5.37
C ARG B 62 10.37 10.64 -5.59
N TRP B 63 10.40 11.70 -4.78
CA TRP B 63 11.41 12.73 -4.91
C TRP B 63 12.81 12.19 -4.61
N ARG B 64 12.95 11.46 -3.50
CA ARG B 64 14.24 10.86 -3.16
C ARG B 64 14.67 9.85 -4.22
N ALA B 65 13.75 8.98 -4.64
CA ALA B 65 14.08 7.97 -5.64
C ALA B 65 14.48 8.62 -6.96
N SER B 66 13.79 9.69 -7.35
CA SER B 66 14.16 10.40 -8.58
C SER B 66 15.57 10.95 -8.47
N GLN B 67 15.89 11.57 -7.33
CA GLN B 67 17.24 12.05 -7.07
C GLN B 67 18.25 10.93 -7.20
N ALA B 68 17.94 9.77 -6.61
CA ALA B 68 18.85 8.63 -6.65
C ALA B 68 19.06 8.12 -8.07
N ALA B 69 18.00 8.10 -8.88
CA ALA B 69 18.12 7.70 -10.28
C ALA B 69 18.85 8.73 -11.14
N GLY B 70 19.10 9.92 -10.62
CA GLY B 70 19.77 10.95 -11.38
C GLY B 70 18.87 11.83 -12.22
N LEU B 71 17.55 11.72 -12.08
CA LEU B 71 16.65 12.66 -12.75
C LEU B 71 16.88 14.07 -12.22
N LYS B 72 16.63 15.06 -13.06
CA LYS B 72 16.82 16.45 -12.68
C LYS B 72 15.52 17.16 -12.34
N GLU B 73 14.38 16.57 -12.68
CA GLU B 73 13.07 17.16 -12.46
C GLU B 73 12.11 16.08 -12.01
N VAL B 74 11.02 16.50 -11.38
CA VAL B 74 9.99 15.57 -10.94
C VAL B 74 8.63 16.17 -11.29
N PRO B 75 7.71 15.39 -11.86
CA PRO B 75 6.36 15.93 -12.11
C PRO B 75 5.70 16.26 -10.79
N ALA B 76 4.98 17.38 -10.76
CA ALA B 76 4.40 17.84 -9.51
C ALA B 76 3.11 18.61 -9.79
N ILE B 77 2.24 18.58 -8.80
CA ILE B 77 1.06 19.45 -8.74
C ILE B 77 1.26 20.40 -7.57
N VAL B 78 1.11 21.69 -7.82
CA VAL B 78 1.25 22.70 -6.78
C VAL B 78 -0.12 22.95 -6.17
N ARG B 79 -0.25 22.69 -4.88
CA ARG B 79 -1.49 22.87 -4.14
C ARG B 79 -1.38 24.11 -3.26
N ASP B 80 -2.39 24.96 -3.29
CA ASP B 80 -2.48 26.10 -2.39
C ASP B 80 -3.40 25.71 -1.23
N VAL B 81 -2.80 25.29 -0.11
CA VAL B 81 -3.52 24.75 1.02
C VAL B 81 -2.91 25.27 2.31
N THR B 82 -3.71 25.22 3.37
CA THR B 82 -3.24 25.43 4.73
C THR B 82 -2.33 24.28 5.14
N GLU B 83 -1.60 24.45 6.23
CA GLU B 83 -0.78 23.28 6.53
C GLU B 83 -1.53 22.19 7.30
N VAL B 84 -2.68 22.50 7.92
CA VAL B 84 -3.53 21.42 8.40
C VAL B 84 -4.06 20.60 7.21
N GLN B 85 -4.54 21.28 6.17
CA GLN B 85 -5.03 20.54 5.01
C GLN B 85 -3.89 19.78 4.32
N ALA B 86 -2.71 20.39 4.22
CA ALA B 86 -1.57 19.69 3.63
C ALA B 86 -1.26 18.40 4.38
N PHE B 87 -1.34 18.43 5.72
CA PHE B 87 -1.11 17.24 6.51
C PHE B 87 -2.21 16.21 6.28
N GLU B 88 -3.46 16.67 6.15
CA GLU B 88 -4.54 15.75 5.80
C GLU B 88 -4.26 15.09 4.46
N LEU B 89 -3.79 15.87 3.47
CA LEU B 89 -3.51 15.31 2.15
C LEU B 89 -2.44 14.22 2.23
N ALA B 90 -1.41 14.45 3.04
CA ALA B 90 -0.35 13.45 3.18
C ALA B 90 -0.87 12.15 3.76
N LEU B 91 -1.77 12.24 4.76
CA LEU B 91 -2.37 11.04 5.34
C LEU B 91 -3.27 10.33 4.33
N VAL B 92 -4.13 11.09 3.66
CA VAL B 92 -5.05 10.51 2.68
C VAL B 92 -4.30 9.81 1.55
N GLU B 93 -3.23 10.43 1.04
CA GLU B 93 -2.51 9.84 -0.09
C GLU B 93 -1.98 8.46 0.25
N ASN B 94 -1.51 8.26 1.48
CA ASN B 94 -0.93 6.99 1.89
C ASN B 94 -1.95 5.99 2.43
N LEU B 95 -3.00 6.47 3.11
CA LEU B 95 -3.91 5.59 3.81
C LEU B 95 -5.11 5.13 2.98
N GLN B 96 -5.36 5.76 1.84
CA GLN B 96 -6.49 5.39 0.99
C GLN B 96 -6.03 4.62 -0.25
N ARG B 97 -5.42 3.46 0.00
CA ARG B 97 -4.90 2.59 -1.06
C ARG B 97 -5.21 1.15 -0.72
N ALA B 98 -5.28 0.32 -1.77
CA ALA B 98 -5.47 -1.11 -1.64
C ALA B 98 -4.46 -1.81 -2.54
N ASP B 99 -3.61 -2.64 -1.94
CA ASP B 99 -2.58 -3.33 -2.71
C ASP B 99 -3.19 -4.50 -3.49
N LEU B 100 -2.49 -4.88 -4.55
CA LEU B 100 -2.75 -6.16 -5.19
C LEU B 100 -2.38 -7.29 -4.24
N ASN B 101 -3.19 -8.34 -4.20
CA ASN B 101 -2.81 -9.49 -3.38
C ASN B 101 -1.72 -10.30 -4.11
N PRO B 102 -1.04 -11.21 -3.39
CA PRO B 102 0.11 -11.87 -4.00
C PRO B 102 -0.22 -12.65 -5.27
N ILE B 103 -1.44 -13.19 -5.40
CA ILE B 103 -1.80 -13.90 -6.62
C ILE B 103 -2.05 -12.92 -7.76
N GLU B 104 -2.71 -11.78 -7.47
CA GLU B 104 -2.89 -10.76 -8.49
C GLU B 104 -1.56 -10.26 -9.01
N GLU B 105 -0.60 -10.05 -8.10
CA GLU B 105 0.74 -9.65 -8.51
C GLU B 105 1.38 -10.71 -9.40
N ALA B 106 1.36 -11.97 -8.95
CA ALA B 106 2.00 -13.04 -9.71
C ALA B 106 1.36 -13.20 -11.08
N GLU B 107 0.03 -13.14 -11.14
CA GLU B 107 -0.64 -13.28 -12.43
C GLU B 107 -0.31 -12.10 -13.34
N GLY B 108 0.00 -10.94 -12.76
CA GLY B 108 0.47 -9.82 -13.57
C GLY B 108 1.79 -10.10 -14.24
N TYR B 109 2.76 -10.58 -13.46
CA TYR B 109 4.04 -10.99 -14.06
C TYR B 109 3.81 -12.05 -15.12
N LYS B 110 2.92 -13.00 -14.85
CA LYS B 110 2.67 -14.10 -15.77
C LYS B 110 2.12 -13.59 -17.10
N ARG B 111 1.24 -12.58 -17.06
CA ARG B 111 0.72 -12.01 -18.30
C ARG B 111 1.82 -11.33 -19.11
N LEU B 112 2.72 -10.62 -18.43
CA LEU B 112 3.83 -10.00 -19.14
C LEU B 112 4.68 -11.05 -19.86
N VAL B 113 4.91 -12.19 -19.22
CA VAL B 113 5.71 -13.24 -19.84
C VAL B 113 4.89 -13.97 -20.91
N ASP B 114 3.73 -14.51 -20.53
CA ASP B 114 3.01 -15.41 -21.43
C ASP B 114 2.36 -14.66 -22.59
N GLU B 115 1.73 -13.51 -22.31
CA GLU B 115 0.99 -12.81 -23.35
C GLU B 115 1.85 -11.77 -24.08
N PHE B 116 2.62 -10.98 -23.34
CA PHE B 116 3.41 -9.92 -23.95
C PHE B 116 4.83 -10.34 -24.28
N LYS B 117 5.22 -11.58 -23.94
CA LYS B 117 6.46 -12.17 -24.41
C LYS B 117 7.71 -11.51 -23.82
N LEU B 118 7.62 -11.03 -22.59
CA LEU B 118 8.80 -10.58 -21.86
C LEU B 118 9.48 -11.78 -21.21
N THR B 119 10.80 -11.66 -21.04
CA THR B 119 11.50 -12.58 -20.15
C THR B 119 11.30 -12.15 -18.70
N GLN B 120 11.62 -13.07 -17.78
CA GLN B 120 11.53 -12.72 -16.36
C GLN B 120 12.48 -11.56 -16.03
N GLU B 121 13.68 -11.57 -16.64
CA GLU B 121 14.56 -10.41 -16.56
C GLU B 121 13.86 -9.13 -17.00
N GLN B 122 13.20 -9.15 -18.15
CA GLN B 122 12.59 -7.93 -18.65
C GLN B 122 11.46 -7.46 -17.74
N VAL B 123 10.69 -8.40 -17.17
CA VAL B 123 9.66 -8.02 -16.21
C VAL B 123 10.28 -7.31 -15.03
N SER B 124 11.38 -7.85 -14.51
CA SER B 124 12.05 -7.26 -13.36
C SER B 124 12.50 -5.84 -13.66
N VAL B 125 13.12 -5.62 -14.83
CA VAL B 125 13.58 -4.29 -15.21
C VAL B 125 12.40 -3.35 -15.42
N ARG B 126 11.36 -3.81 -16.12
CA ARG B 126 10.29 -2.91 -16.53
C ARG B 126 9.41 -2.48 -15.36
N VAL B 127 9.26 -3.35 -14.35
CA VAL B 127 8.44 -3.04 -13.18
C VAL B 127 9.28 -2.58 -11.99
N GLY B 128 10.60 -2.74 -12.04
CA GLY B 128 11.44 -2.30 -10.93
C GLY B 128 11.44 -3.20 -9.73
N LYS B 129 11.12 -4.49 -9.90
CA LYS B 129 11.10 -5.44 -8.80
C LYS B 129 12.30 -6.38 -8.92
N GLU B 130 12.80 -6.81 -7.76
CA GLU B 130 13.93 -7.72 -7.74
C GLU B 130 13.59 -9.02 -8.46
N ARG B 131 14.57 -9.55 -9.19
CA ARG B 131 14.47 -10.84 -9.86
C ARG B 131 13.92 -11.91 -8.91
N SER B 132 14.38 -11.91 -7.65
CA SER B 132 13.89 -12.92 -6.70
C SER B 132 12.41 -12.74 -6.41
N THR B 133 11.92 -11.50 -6.41
CA THR B 133 10.51 -11.24 -6.15
C THR B 133 9.64 -11.71 -7.32
N VAL B 134 10.08 -11.44 -8.55
CA VAL B 134 9.34 -11.92 -9.72
C VAL B 134 9.33 -13.44 -9.78
N ALA B 135 10.49 -14.05 -9.53
CA ALA B 135 10.58 -15.51 -9.62
C ALA B 135 9.71 -16.19 -8.56
N ASN B 136 9.71 -15.66 -7.34
CA ASN B 136 8.94 -16.29 -6.26
C ASN B 136 7.43 -16.11 -6.47
N ALA B 137 7.01 -14.96 -6.99
CA ALA B 137 5.59 -14.77 -7.26
C ALA B 137 5.11 -15.75 -8.32
N LEU B 138 5.90 -15.95 -9.38
CA LEU B 138 5.50 -16.90 -10.41
C LEU B 138 5.40 -18.32 -9.86
N ARG B 139 6.26 -18.67 -8.91
CA ARG B 139 6.20 -20.01 -8.34
C ARG B 139 4.91 -20.25 -7.57
N LEU B 140 4.30 -19.19 -7.02
CA LEU B 140 3.01 -19.35 -6.37
C LEU B 140 1.98 -19.94 -7.32
N LEU B 141 2.08 -19.63 -8.61
CA LEU B 141 1.07 -20.06 -9.57
C LEU B 141 1.15 -21.55 -9.89
N ALA B 142 2.16 -22.26 -9.38
CA ALA B 142 2.19 -23.71 -9.46
C ALA B 142 1.33 -24.37 -8.39
N LEU B 143 0.85 -23.62 -7.41
CA LEU B 143 0.00 -24.16 -6.37
C LEU B 143 -1.41 -24.41 -6.89
N PRO B 144 -2.15 -25.34 -6.29
CA PRO B 144 -3.53 -25.56 -6.70
C PRO B 144 -4.43 -24.40 -6.30
N THR B 145 -5.63 -24.41 -6.88
CA THR B 145 -6.57 -23.28 -6.81
C THR B 145 -6.87 -22.91 -5.37
N ASP B 146 -7.42 -23.86 -4.62
CA ASP B 146 -7.66 -23.74 -3.19
C ASP B 146 -6.48 -23.13 -2.43
N VAL B 147 -5.27 -23.61 -2.70
CA VAL B 147 -4.10 -23.06 -2.03
C VAL B 147 -3.83 -21.62 -2.49
N LYS B 148 -3.91 -21.37 -3.80
CA LYS B 148 -3.75 -20.01 -4.28
C LYS B 148 -4.82 -19.09 -3.68
N GLY B 149 -6.03 -19.59 -3.49
CA GLY B 149 -7.07 -18.78 -2.87
C GLY B 149 -6.70 -18.36 -1.47
N MET B 150 -6.02 -19.25 -0.72
CA MET B 150 -5.63 -18.94 0.65
C MET B 150 -4.47 -17.95 0.68
N VAL B 151 -3.57 -18.03 -0.29
CA VAL B 151 -2.56 -16.99 -0.43
C VAL B 151 -3.22 -15.66 -0.80
N ALA B 152 -4.17 -15.71 -1.73
CA ALA B 152 -4.77 -14.46 -2.23
C ALA B 152 -5.53 -13.73 -1.13
N ASP B 153 -6.26 -14.46 -0.28
CA ASP B 153 -7.05 -13.82 0.77
C ASP B 153 -6.29 -13.66 2.07
N GLY B 154 -5.02 -14.04 2.12
CA GLY B 154 -4.21 -13.86 3.29
C GLY B 154 -4.24 -14.99 4.31
N SER B 155 -5.05 -16.02 4.08
CA SER B 155 -5.07 -17.16 5.00
C SER B 155 -3.70 -17.80 5.13
N LEU B 156 -2.91 -17.75 4.07
CA LEU B 156 -1.53 -18.23 4.05
C LEU B 156 -0.63 -17.06 3.66
N SER B 157 0.50 -16.93 4.37
CA SER B 157 1.45 -15.87 4.07
C SER B 157 2.40 -16.30 2.96
N MET B 158 3.19 -15.33 2.47
CA MET B 158 4.29 -15.64 1.57
C MET B 158 5.16 -16.75 2.13
N GLY B 159 5.60 -16.58 3.39
CA GLY B 159 6.47 -17.57 4.00
C GLY B 159 5.83 -18.94 4.08
N HIS B 160 4.55 -18.99 4.45
CA HIS B 160 3.83 -20.26 4.46
C HIS B 160 3.84 -20.89 3.07
N ALA B 161 3.54 -20.09 2.05
CA ALA B 161 3.51 -20.62 0.69
C ALA B 161 4.88 -21.12 0.26
N ARG B 162 5.94 -20.36 0.59
CA ARG B 162 7.31 -20.84 0.39
C ARG B 162 7.47 -22.30 0.80
N ALA B 163 7.21 -22.59 2.07
CA ALA B 163 7.44 -23.93 2.59
C ALA B 163 6.58 -24.96 1.87
N LEU B 164 5.31 -24.62 1.62
CA LEU B 164 4.39 -25.59 1.04
C LEU B 164 4.79 -26.00 -0.36
N LEU B 165 5.60 -25.20 -1.05
CA LEU B 165 6.09 -25.60 -2.36
C LEU B 165 6.99 -26.82 -2.29
N GLY B 166 7.52 -27.14 -1.10
CA GLY B 166 8.35 -28.31 -0.94
C GLY B 166 7.61 -29.63 -0.84
N VAL B 167 6.29 -29.59 -0.62
CA VAL B 167 5.52 -30.83 -0.47
C VAL B 167 5.53 -31.59 -1.80
N PRO B 168 5.88 -32.88 -1.81
CA PRO B 168 5.95 -33.59 -3.10
C PRO B 168 4.61 -33.82 -3.76
N ARG B 169 3.60 -34.25 -3.00
CA ARG B 169 2.30 -34.60 -3.55
C ARG B 169 1.34 -33.43 -3.41
N LEU B 170 0.68 -33.07 -4.52
CA LEU B 170 -0.27 -31.97 -4.48
C LEU B 170 -1.44 -32.23 -3.54
N PRO B 171 -2.12 -33.38 -3.60
CA PRO B 171 -3.16 -33.66 -2.60
C PRO B 171 -2.68 -33.55 -1.17
N GLU B 172 -1.54 -34.17 -0.85
CA GLU B 172 -0.94 -33.96 0.47
C GLU B 172 -0.61 -32.49 0.70
N LEU B 173 -0.27 -31.77 -0.37
CA LEU B 173 0.02 -30.34 -0.25
C LEU B 173 -1.20 -29.54 0.19
N GLN B 174 -2.39 -29.81 -0.38
CA GLN B 174 -3.59 -29.06 0.01
C GLN B 174 -3.98 -29.29 1.45
N ASN B 175 -4.04 -30.56 1.88
CA ASN B 175 -4.43 -30.89 3.25
C ASN B 175 -3.48 -30.26 4.26
N LEU B 176 -2.18 -30.33 4.00
CA LEU B 176 -1.23 -29.67 4.88
C LEU B 176 -1.46 -28.16 4.87
N ALA B 177 -1.69 -27.59 3.68
CA ALA B 177 -1.95 -26.16 3.59
C ALA B 177 -3.23 -25.78 4.34
N LYS B 178 -4.29 -26.56 4.19
CA LYS B 178 -5.54 -26.23 4.88
C LYS B 178 -5.35 -26.31 6.40
N GLN B 179 -4.63 -27.32 6.90
CA GLN B 179 -4.36 -27.35 8.35
C GLN B 179 -3.56 -26.15 8.80
N VAL B 180 -2.51 -25.79 8.04
CA VAL B 180 -1.67 -24.67 8.43
C VAL B 180 -2.51 -23.40 8.57
N ALA B 181 -3.36 -23.14 7.58
CA ALA B 181 -4.23 -21.97 7.64
C ALA B 181 -5.30 -22.14 8.71
N ASP B 182 -5.89 -23.33 8.81
CA ASP B 182 -7.05 -23.54 9.67
C ASP B 182 -6.66 -23.47 11.14
N LYS B 183 -5.62 -24.21 11.51
CA LYS B 183 -5.07 -24.10 12.85
C LYS B 183 -4.21 -22.83 13.00
N LYS B 184 -3.84 -22.20 11.90
CA LYS B 184 -3.04 -20.98 11.99
C LYS B 184 -1.64 -21.23 12.55
N LEU B 185 -0.90 -22.15 11.91
CA LEU B 185 0.42 -22.53 12.43
C LEU B 185 1.47 -21.49 12.06
N SER B 186 2.55 -21.48 12.83
CA SER B 186 3.68 -20.63 12.52
C SER B 186 4.37 -21.15 11.26
N VAL B 187 5.24 -20.31 10.69
CA VAL B 187 6.00 -20.70 9.51
C VAL B 187 6.96 -21.83 9.86
N ARG B 188 7.56 -21.76 11.04
CA ARG B 188 8.48 -22.80 11.50
C ARG B 188 7.77 -24.14 11.66
N ASP B 189 6.57 -24.13 12.24
CA ASP B 189 5.80 -25.37 12.36
C ASP B 189 5.49 -25.94 10.99
N THR B 190 5.18 -25.06 10.03
CA THR B 190 4.87 -25.53 8.68
C THR B 190 6.07 -26.24 8.06
N GLU B 191 7.27 -25.69 8.21
CA GLU B 191 8.45 -26.30 7.61
C GLU B 191 8.75 -27.66 8.25
N ARG B 192 8.61 -27.76 9.57
CA ARG B 192 8.77 -29.05 10.22
C ARG B 192 7.76 -30.06 9.67
N LEU B 193 6.55 -29.59 9.37
CA LEU B 193 5.54 -30.46 8.79
C LEU B 193 5.90 -30.88 7.37
N VAL B 194 6.48 -29.96 6.59
CA VAL B 194 6.80 -30.26 5.19
C VAL B 194 7.92 -31.27 5.04
N GLN B 195 8.70 -31.53 6.09
CA GLN B 195 9.88 -32.37 5.95
C GLN B 195 9.56 -33.75 5.41
N GLN B 196 8.31 -34.21 5.57
CA GLN B 196 7.94 -35.54 5.11
C GLN B 196 7.66 -35.54 3.61
C1 GOL C . 4.84 8.59 -23.67
O1 GOL C . 4.58 7.49 -22.86
C2 GOL C . 3.50 9.38 -23.81
O2 GOL C . 2.58 9.05 -22.83
C3 GOL C . 3.91 10.87 -23.72
O3 GOL C . 2.72 11.58 -23.54
C1 PEG D . -1.34 9.06 23.20
O1 PEG D . -0.66 9.78 24.19
C2 PEG D . -2.85 9.33 23.32
O2 PEG D . -3.40 9.47 22.03
C3 PEG D . -4.62 10.17 21.99
C4 PEG D . -4.36 11.61 21.55
O4 PEG D . -5.57 12.31 21.50
P TS6 E . -5.90 -0.25 -10.13
O1P TS6 E . -6.09 0.62 -11.35
S2P TS6 E . -4.72 -1.94 -10.58
O3P TS6 E . -7.25 -0.69 -9.62
O4P TS6 E . -5.13 0.49 -9.06
HS2P TS6 E . -5.25 -2.56 -11.45
O3B CDP F . -5.32 3.03 -8.47
PB CDP F . -6.72 2.91 -7.91
O1B CDP F . -7.42 4.25 -7.92
O2B CDP F . -7.50 1.90 -8.71
O3A CDP F . -6.68 2.39 -6.36
PA CDP F . -5.36 2.18 -5.42
O1A CDP F . -5.84 1.64 -4.09
O2A CDP F . -4.37 1.23 -6.06
O5' CDP F . -4.64 3.63 -5.16
C5' CDP F . -5.42 4.73 -4.76
C4' CDP F . -4.73 5.88 -5.18
O4' CDP F . -5.58 7.13 -5.14
C3' CDP F . -3.50 6.23 -4.20
O3' CDP F . -2.38 6.77 -5.04
C2' CDP F . -3.95 7.09 -3.41
O2' CDP F . -2.91 8.00 -2.91
C1' CDP F . -4.96 7.99 -4.36
N1 CDP F . -5.94 8.78 -3.72
C2 CDP F . -6.31 10.05 -4.39
O2 CDP F . -5.77 10.35 -5.40
N3 CDP F . -7.35 10.92 -3.78
C4 CDP F . -7.99 10.50 -2.55
N4 CDP F . -9.00 11.32 -1.95
C5 CDP F . -7.63 9.23 -1.89
C6 CDP F . -6.59 8.36 -2.49
H5'1 CDP F . -5.53 4.74 -3.80
H5'2 CDP F . -6.29 4.70 -5.18
H4' CDP F . -4.42 5.71 -6.09
H3' CDP F . -3.21 5.48 -3.66
HA CDP F . -2.19 6.20 -5.65
H2' CDP F . -4.40 6.64 -2.67
HB CDP F . -3.27 8.71 -2.61
H1' CDP F . -4.36 8.61 -4.82
H4N1 CDP F . -9.38 11.08 -1.22
H4N2 CDP F . -9.23 12.08 -2.31
H5 CDP F . -8.05 8.98 -1.10
H6 CDP F . -6.36 7.56 -2.09
MG MG G . -3.86 1.54 -8.15
C1 PEG H . 21.60 5.18 -12.50
O1 PEG H . 21.80 3.84 -12.87
C2 PEG H . 21.80 5.37 -10.99
O2 PEG H . 21.10 4.36 -10.31
C3 PEG H . 20.63 4.75 -9.04
C4 PEG H . 20.25 3.51 -8.21
O4 PEG H . 18.89 3.19 -8.39
C1 PEG I . 19.90 0.61 -13.89
O1 PEG I . 21.04 0.81 -14.67
C2 PEG I . 19.11 -0.59 -14.41
O2 PEG I . 17.78 -0.21 -14.67
C3 PEG I . 17.57 0.28 -15.97
C4 PEG I . 16.06 0.44 -16.22
O4 PEG I . 15.83 0.76 -17.56
P TS6 J . 5.16 10.29 1.90
O1P TS6 J . 5.25 11.61 1.16
S2P TS6 J . 4.54 10.72 3.87
O3P TS6 J . 4.19 9.33 1.24
O4P TS6 J . 6.54 9.65 1.92
HS2P TS6 J . 4.77 11.87 4.14
O3B CDP K . 6.44 9.40 -0.64
PB CDP K . 5.71 8.76 -1.80
O1B CDP K . 4.26 9.21 -1.79
O2B CDP K . 6.34 9.13 -3.12
O3A CDP K . 5.87 7.16 -1.59
PA CDP K . 4.62 6.09 -1.50
O1A CDP K . 3.65 6.42 -0.38
O2A CDP K . 5.28 4.76 -1.27
O5' CDP K . 3.78 6.14 -2.89
C5' CDP K . 4.47 5.90 -4.09
C4' CDP K . 3.68 6.44 -5.10
O4' CDP K . 4.48 6.72 -6.34
C3' CDP K . 2.50 5.46 -5.61
O3' CDP K . 1.32 6.38 -5.79
C2' CDP K . 2.90 4.94 -6.66
O2' CDP K . 1.81 4.63 -7.61
C1' CDP K . 3.81 6.15 -7.32
N1 CDP K . 4.75 5.73 -8.29
C2 CDP K . 4.96 6.64 -9.44
O2 CDP K . 4.33 7.63 -9.54
N3 CDP K . 5.95 6.28 -10.49
C4 CDP K . 6.71 5.07 -10.34
N4 CDP K . 7.67 4.71 -11.35
C5 CDP K . 6.52 4.17 -9.17
C6 CDP K . 5.53 4.52 -8.13
H5'1 CDP K . 4.59 4.94 -4.23
H5'2 CDP K . 5.34 6.33 -4.07
H4' CDP K . 3.28 7.24 -4.73
H3' CDP K . 2.30 4.71 -5.02
HA CDP K . 1.51 7.03 -6.30
H2' CDP K . 3.39 4.12 -6.46
HB CDP K . 1.25 4.11 -7.23
H1' CDP K . 3.17 6.74 -7.73
H4N1 CDP K . 7.79 5.22 -12.03
H4N2 CDP K . 8.13 3.98 -11.26
H5 CDP K . 7.02 3.38 -9.10
H6 CDP K . 5.41 3.98 -7.39
MG MG L . 2.97 8.56 -0.16
#